data_6AG3
#
_entry.id   6AG3
#
_cell.length_a   120.892
_cell.length_b   120.892
_cell.length_c   42.268
_cell.angle_alpha   90.000
_cell.angle_beta   90.000
_cell.angle_gamma   120.000
#
_symmetry.space_group_name_H-M   'H 3'
#
loop_
_entity.id
_entity.type
_entity.pdbx_description
1 polymer 'Urokinase-type plasminogen activator'
2 non-polymer 3,5-bis(azanyl)-N-carbamimidoyl-6-(2,4-dimethoxypyrimidin-5-yl)pyrazine-2-carboxamide
3 water water
#
_entity_poly.entity_id   1
_entity_poly.type   'polypeptide(L)'
_entity_poly.pdbx_seq_one_letter_code
;IIGGEFTTIENQPWFAAIYRRHRGGSVTYVCGGSLISPCWVISATHCFIDYPKKEDYIVYLGRSRLNSNTQGEMKFEVEN
LILHKDYSADTLAHHNDIALLKIRSKEGRCAQPSRTIQTIALPSMYNDPQFGTSCEITGFGKEQSTDYLYPEQLKMTVVK
LISHRECQQPHYYGSEVTTKMLCAADPQWKTDSCQGDSGGPLVCSLQGRMTLTGIVSWGRGCALKDKPGVYTRVSHFLPW
IRSHTKEENGLAL
;
_entity_poly.pdbx_strand_id   U
#
# COMPACT_ATOMS: atom_id res chain seq x y z
N ILE A 1 3.70 9.73 4.36
CA ILE A 1 4.92 9.93 3.54
C ILE A 1 5.68 11.06 4.18
N ILE A 2 6.86 10.70 4.70
CA ILE A 2 7.81 11.61 5.27
C ILE A 2 8.61 12.21 4.11
N GLY A 3 8.62 13.52 3.97
CA GLY A 3 9.31 14.13 2.82
C GLY A 3 8.58 13.94 1.49
N GLY A 4 9.30 13.69 0.43
CA GLY A 4 8.71 13.59 -0.87
C GLY A 4 7.99 14.84 -1.29
N GLU A 5 6.86 14.67 -1.93
CA GLU A 5 6.17 15.75 -2.56
C GLU A 5 4.70 15.43 -2.62
N PHE A 6 3.89 16.46 -2.76
CA PHE A 6 2.49 16.31 -3.02
C PHE A 6 2.25 15.90 -4.46
N THR A 7 1.11 15.28 -4.68
CA THR A 7 0.74 14.78 -5.96
C THR A 7 -0.77 14.73 -6.03
N THR A 8 -1.30 14.32 -7.17
CA THR A 8 -2.73 14.15 -7.37
C THR A 8 -2.92 12.76 -7.90
N ILE A 9 -4.16 12.30 -7.93
CA ILE A 9 -4.46 10.92 -8.31
C ILE A 9 -4.07 10.57 -9.76
N GLU A 10 -4.01 11.56 -10.65
CA GLU A 10 -3.63 11.32 -12.05
C GLU A 10 -2.24 10.71 -12.16
N ASN A 11 -1.36 11.07 -11.23
CA ASN A 11 -0.01 10.52 -11.24
C ASN A 11 0.09 9.09 -10.77
N GLN A 12 -0.93 8.60 -10.09
CA GLN A 12 -0.87 7.30 -9.48
C GLN A 12 -2.31 6.76 -9.52
N PRO A 13 -2.89 6.64 -10.72
CA PRO A 13 -4.33 6.44 -10.90
C PRO A 13 -4.90 5.10 -10.36
N TRP A 14 -4.02 4.17 -10.01
CA TRP A 14 -4.37 2.92 -9.31
C TRP A 14 -4.47 3.04 -7.78
N PHE A 15 -4.05 4.16 -7.20
CA PHE A 15 -4.14 4.31 -5.75
C PHE A 15 -5.60 4.23 -5.25
N ALA A 16 -5.83 3.44 -4.20
CA ALA A 16 -7.15 3.29 -3.59
C ALA A 16 -7.11 3.84 -2.17
N ALA A 17 -8.09 4.63 -1.78
CA ALA A 17 -8.21 5.12 -0.38
C ALA A 17 -9.28 4.31 0.35
N ILE A 18 -8.89 3.66 1.43
CA ILE A 18 -9.75 2.75 2.19
C ILE A 18 -10.11 3.37 3.54
N TYR A 19 -11.40 3.39 3.86
CA TYR A 19 -11.94 4.03 5.08
C TYR A 19 -12.82 3.04 5.80
N ARG A 20 -13.05 3.27 7.08
CA ARG A 20 -13.99 2.44 7.89
C ARG A 20 -15.14 3.23 8.48
N ARG A 21 -16.33 2.67 8.38
CA ARG A 21 -17.52 3.16 9.05
C ARG A 21 -17.41 2.88 10.50
N HIS A 22 -17.98 3.76 11.29
CA HIS A 22 -17.88 3.64 12.70
C HIS A 22 -19.25 3.42 13.26
N ARG A 23 -19.29 2.81 14.42
CA ARG A 23 -20.50 2.73 15.17
C ARG A 23 -20.70 4.14 15.59
N GLY A 24 -21.85 4.72 15.29
CA GLY A 24 -21.99 6.13 15.46
C GLY A 24 -21.57 6.95 14.26
N GLY A 25 -21.31 6.29 13.15
CA GLY A 25 -21.32 6.93 11.84
C GLY A 25 -20.16 7.84 11.52
N SER A 26 -19.11 7.76 12.30
CA SER A 26 -17.88 8.38 11.93
C SER A 26 -17.27 7.57 10.80
N VAL A 27 -16.50 8.23 9.94
CA VAL A 27 -15.72 7.57 8.90
C VAL A 27 -14.27 8.03 8.90
N THR A 28 -13.38 7.16 9.31
CA THR A 28 -11.97 7.45 9.45
C THR A 28 -11.15 6.75 8.34
N TYR A 29 -9.98 7.31 8.02
CA TYR A 29 -9.13 6.70 7.02
C TYR A 29 -8.45 5.53 7.69
N VAL A 30 -8.23 4.46 6.90
CA VAL A 30 -7.62 3.22 7.35
C VAL A 30 -6.29 3.00 6.66
N CYS A 31 -6.31 2.92 5.34
CA CYS A 31 -5.14 2.44 4.59
C CYS A 31 -5.28 2.72 3.12
N GLY A 32 -4.14 2.73 2.45
CA GLY A 32 -4.09 2.76 0.99
C GLY A 32 -4.27 1.37 0.41
N GLY A 33 -4.50 1.32 -0.89
CA GLY A 33 -4.51 0.07 -1.65
C GLY A 33 -4.15 0.35 -3.11
N SER A 34 -4.19 -0.71 -3.93
CA SER A 34 -3.92 -0.61 -5.37
C SER A 34 -4.95 -1.41 -6.14
N LEU A 35 -5.56 -0.74 -7.10
CA LEU A 35 -6.40 -1.39 -8.10
C LEU A 35 -5.54 -2.22 -9.05
N ILE A 36 -5.71 -3.54 -9.00
CA ILE A 36 -5.04 -4.46 -9.90
C ILE A 36 -5.97 -5.01 -10.99
N SER A 37 -7.28 -4.85 -10.81
CA SER A 37 -8.24 -5.16 -11.87
C SER A 37 -9.57 -4.45 -11.52
N PRO A 38 -10.52 -4.38 -12.48
CA PRO A 38 -11.68 -3.52 -12.21
C PRO A 38 -12.40 -3.78 -10.91
N CYS A 39 -12.51 -5.05 -10.50
CA CYS A 39 -13.23 -5.42 -9.26
C CYS A 39 -12.32 -5.74 -8.06
N TRP A 40 -11.00 -5.66 -8.22
CA TRP A 40 -10.10 -6.05 -7.15
C TRP A 40 -9.07 -4.98 -6.74
N VAL A 41 -9.14 -4.62 -5.46
CA VAL A 41 -8.09 -3.82 -4.83
C VAL A 41 -7.26 -4.74 -3.94
N ILE A 42 -5.97 -4.48 -3.87
CA ILE A 42 -5.06 -5.24 -3.06
C ILE A 42 -4.47 -4.33 -2.02
N SER A 43 -4.21 -4.88 -0.84
CA SER A 43 -3.80 -4.06 0.30
C SER A 43 -3.13 -4.97 1.33
N ALA A 44 -2.91 -4.49 2.54
CA ALA A 44 -2.25 -5.24 3.59
C ALA A 44 -3.29 -5.78 4.54
N THR A 45 -3.18 -7.06 4.92
CA THR A 45 -4.08 -7.70 5.90
C THR A 45 -4.10 -6.98 7.28
N HIS A 46 -2.98 -6.41 7.69
CA HIS A 46 -2.91 -5.83 9.03
C HIS A 46 -3.82 -4.61 9.17
N CYS A 47 -4.18 -4.02 8.03
CA CYS A 47 -5.08 -2.91 7.98
C CYS A 47 -6.45 -3.23 8.53
N PHE A 48 -6.88 -4.47 8.35
CA PHE A 48 -8.25 -4.90 8.62
C PHE A 48 -8.40 -5.89 9.79
N ILE A 49 -7.29 -6.45 10.27
CA ILE A 49 -7.34 -7.62 11.15
C ILE A 49 -8.14 -7.43 12.47
N ASP A 50 -8.18 -6.18 12.96
CA ASP A 50 -8.97 -5.85 14.16
C ASP A 50 -10.46 -5.68 13.89
N TYR A 51 -10.81 -5.31 12.66
CA TYR A 51 -12.22 -5.13 12.28
C TYR A 51 -12.51 -5.87 11.01
N PRO A 52 -12.45 -7.20 11.07
CA PRO A 52 -12.40 -7.99 9.84
C PRO A 52 -13.74 -8.17 9.11
N LYS A 53 -14.68 -7.25 9.32
CA LYS A 53 -16.00 -7.30 8.70
C LYS A 53 -16.11 -6.30 7.53
N LYS A 54 -16.47 -6.84 6.37
CA LYS A 54 -16.47 -6.10 5.10
C LYS A 54 -17.45 -4.93 5.03
N GLU A 55 -18.57 -5.06 5.74
CA GLU A 55 -19.60 -4.02 5.73
C GLU A 55 -19.14 -2.76 6.45
N ASP A 56 -18.06 -2.85 7.22
CA ASP A 56 -17.51 -1.65 7.86
C ASP A 56 -16.68 -0.78 6.92
N TYR A 57 -16.35 -1.21 5.70
CA TYR A 57 -15.36 -0.49 4.90
C TYR A 57 -15.88 0.11 3.62
N ILE A 58 -15.24 1.20 3.23
CA ILE A 58 -15.54 1.93 2.01
C ILE A 58 -14.22 2.18 1.29
N VAL A 59 -14.25 1.94 -0.03
CA VAL A 59 -13.13 2.19 -0.89
C VAL A 59 -13.47 3.28 -1.90
N TYR A 60 -12.56 4.22 -2.06
CA TYR A 60 -12.66 5.25 -3.06
C TYR A 60 -11.58 5.05 -4.09
N LEU A 61 -11.91 5.35 -5.34
CA LEU A 61 -10.92 5.44 -6.42
C LEU A 61 -11.03 6.81 -7.02
N GLY A 62 -9.99 7.20 -7.74
CA GLY A 62 -9.86 8.53 -8.32
C GLY A 62 -9.89 9.69 -7.34
N ARG A 63 -9.46 9.47 -6.11
CA ARG A 63 -9.51 10.48 -5.02
C ARG A 63 -8.13 10.94 -4.62
N SER A 64 -7.90 12.25 -4.71
CA SER A 64 -6.61 12.90 -4.45
C SER A 64 -6.53 13.51 -3.06
N ARG A 65 -7.64 13.57 -2.34
CA ARG A 65 -7.70 14.23 -1.03
C ARG A 65 -8.44 13.39 0.02
N LEU A 66 -8.06 13.61 1.27
CA LEU A 66 -8.41 12.74 2.37
C LEU A 66 -9.86 12.93 2.84
N ASN A 67 -10.27 14.19 3.03
CA ASN A 67 -11.60 14.51 3.59
C ASN A 67 -12.45 15.39 2.71
N SER A 68 -12.04 15.57 1.46
CA SER A 68 -12.90 16.22 0.48
C SER A 68 -13.00 15.32 -0.73
N ASN A 69 -14.13 15.44 -1.42
CA ASN A 69 -14.39 14.67 -2.62
C ASN A 69 -13.54 15.24 -3.75
N THR A 70 -13.03 14.37 -4.59
CA THR A 70 -12.31 14.76 -5.76
C THR A 70 -13.19 14.49 -6.94
N GLN A 71 -13.27 15.48 -7.84
CA GLN A 71 -14.09 15.38 -9.04
C GLN A 71 -13.69 14.16 -9.86
N GLY A 72 -14.66 13.30 -10.14
CA GLY A 72 -14.46 12.07 -10.90
C GLY A 72 -14.28 10.82 -10.05
N GLU A 73 -14.31 10.94 -8.73
CA GLU A 73 -14.03 9.77 -7.89
C GLU A 73 -15.20 8.76 -7.90
N MET A 74 -14.89 7.49 -7.67
CA MET A 74 -15.89 6.43 -7.52
C MET A 74 -15.72 5.78 -6.16
N LYS A 75 -16.85 5.50 -5.52
CA LYS A 75 -16.97 5.04 -4.14
C LYS A 75 -17.50 3.63 -4.20
N PHE A 76 -16.95 2.75 -3.38
CA PHE A 76 -17.38 1.35 -3.38
C PHE A 76 -17.57 0.82 -1.98
N GLU A 77 -18.48 -0.14 -1.88
CA GLU A 77 -18.53 -1.05 -0.74
C GLU A 77 -17.68 -2.25 -1.06
N VAL A 78 -17.27 -2.96 -0.01
CA VAL A 78 -16.47 -4.19 -0.12
C VAL A 78 -17.38 -5.43 -0.22
N GLU A 79 -17.52 -5.97 -1.41
CA GLU A 79 -18.30 -7.19 -1.62
C GLU A 79 -17.62 -8.40 -0.98
N ASN A 80 -16.29 -8.31 -0.78
CA ASN A 80 -15.48 -9.47 -0.38
C ASN A 80 -14.20 -8.98 0.26
N LEU A 81 -13.92 -9.44 1.47
CA LEU A 81 -12.69 -9.10 2.19
C LEU A 81 -11.87 -10.36 2.40
N ILE A 82 -10.74 -10.49 1.68
CA ILE A 82 -9.86 -11.66 1.74
C ILE A 82 -8.54 -11.38 2.47
N LEU A 83 -8.37 -11.97 3.65
CA LEU A 83 -7.13 -11.86 4.41
C LEU A 83 -6.32 -13.12 4.21
N HIS A 84 -5.00 -13.02 4.33
CA HIS A 84 -4.13 -14.13 4.01
C HIS A 84 -4.13 -15.08 5.19
N LYS A 85 -4.56 -16.32 4.93
CA LYS A 85 -4.62 -17.38 5.95
C LYS A 85 -3.38 -17.52 6.86
N ASP A 86 -2.20 -17.36 6.27
CA ASP A 86 -0.93 -17.44 7.00
C ASP A 86 -0.40 -16.16 7.66
N TYR A 87 -1.24 -15.15 7.81
CA TYR A 87 -0.83 -13.91 8.46
C TYR A 87 -0.32 -14.19 9.88
N SER A 88 0.65 -13.43 10.29
CA SER A 88 1.11 -13.50 11.61
C SER A 88 1.69 -12.17 11.92
N ALA A 89 1.58 -11.82 13.16
CA ALA A 89 2.11 -10.58 13.57
C ALA A 89 3.27 -10.85 14.48
N ASP A 90 4.41 -10.24 14.18
CA ASP A 90 5.65 -10.28 14.96
C ASP A 90 5.61 -9.06 15.89
N THR A 91 6.74 -8.72 16.50
CA THR A 91 6.82 -7.50 17.27
C THR A 91 6.79 -6.30 16.34
N LEU A 92 7.49 -6.43 15.24
CA LEU A 92 7.43 -5.39 14.27
C LEU A 92 6.84 -5.95 13.01
N ALA A 93 7.38 -7.05 12.55
CA ALA A 93 7.02 -7.63 11.30
C ALA A 93 5.65 -8.20 11.17
N HIS A 94 5.20 -8.26 9.95
CA HIS A 94 3.95 -8.91 9.66
C HIS A 94 4.29 -9.89 8.59
N HIS A 95 3.83 -11.10 8.73
CA HIS A 95 4.12 -12.07 7.72
C HIS A 95 2.87 -12.24 6.94
N ASN A 96 3.06 -12.36 5.65
CA ASN A 96 1.97 -12.52 4.69
C ASN A 96 0.99 -11.37 4.78
N ASP A 97 1.54 -10.15 4.81
CA ASP A 97 0.75 -8.95 5.05
C ASP A 97 0.18 -8.51 3.72
N ILE A 98 -0.89 -9.19 3.32
CA ILE A 98 -1.47 -9.02 2.00
C ILE A 98 -2.95 -9.35 2.08
N ALA A 99 -3.77 -8.53 1.44
CA ALA A 99 -5.21 -8.71 1.42
C ALA A 99 -5.83 -8.20 0.12
N LEU A 100 -6.97 -8.80 -0.22
CA LEU A 100 -7.75 -8.46 -1.39
C LEU A 100 -9.14 -7.99 -1.01
N LEU A 101 -9.60 -6.96 -1.68
CA LEU A 101 -10.91 -6.46 -1.47
C LEU A 101 -11.64 -6.50 -2.79
N LYS A 102 -12.84 -7.03 -2.78
CA LYS A 102 -13.64 -7.07 -3.99
C LYS A 102 -14.56 -5.93 -3.84
N ILE A 103 -14.57 -5.07 -4.83
CA ILE A 103 -15.36 -3.88 -4.77
C ILE A 103 -16.52 -3.83 -5.72
N ARG A 104 -17.64 -3.42 -5.20
CA ARG A 104 -18.79 -3.19 -6.02
C ARG A 104 -19.55 -2.00 -5.51
N SER A 105 -20.09 -1.23 -6.43
CA SER A 105 -20.84 -0.04 -6.10
C SER A 105 -22.27 -0.31 -5.65
N LYS A 106 -22.90 0.72 -5.12
CA LYS A 106 -24.25 0.66 -4.64
C LYS A 106 -25.10 0.24 -5.82
N GLU A 107 -24.69 0.63 -6.99
CA GLU A 107 -25.37 0.26 -8.20
C GLU A 107 -24.87 -1.10 -8.65
N GLY A 108 -23.97 -1.71 -7.90
CA GLY A 108 -23.47 -3.01 -8.28
C GLY A 108 -22.37 -3.10 -9.28
N ARG A 109 -21.60 -2.04 -9.45
CA ARG A 109 -20.57 -2.04 -10.45
C ARG A 109 -19.15 -1.97 -9.93
N CYS A 110 -18.10 -2.34 -10.50
CA CYS A 110 -16.66 -2.34 -10.43
C CYS A 110 -16.20 -1.01 -11.04
N ALA A 111 -14.98 -0.83 -10.99
CA ALA A 111 -14.41 0.39 -11.54
C ALA A 111 -14.54 0.47 -13.07
N GLN A 112 -14.97 1.64 -13.55
CA GLN A 112 -14.79 2.07 -14.94
C GLN A 112 -13.48 2.88 -15.06
N PRO A 113 -12.56 2.49 -15.95
CA PRO A 113 -11.32 3.28 -16.04
C PRO A 113 -11.46 4.69 -16.62
N SER A 114 -10.52 5.54 -16.23
CA SER A 114 -10.57 6.95 -16.57
C SER A 114 -9.18 7.56 -16.48
N ARG A 115 -9.10 8.88 -16.64
CA ARG A 115 -7.84 9.58 -16.46
C ARG A 115 -7.40 9.47 -14.97
N THR A 116 -8.35 9.50 -14.03
CA THR A 116 -8.02 9.37 -12.60
C THR A 116 -8.07 7.94 -12.04
N ILE A 117 -8.45 6.96 -12.86
CA ILE A 117 -8.75 5.59 -12.41
C ILE A 117 -8.24 4.57 -13.43
N GLN A 118 -7.11 3.91 -13.12
CA GLN A 118 -6.46 2.90 -13.98
C GLN A 118 -5.93 1.75 -13.12
N THR A 119 -5.58 0.62 -13.75
CA THR A 119 -5.00 -0.52 -13.02
C THR A 119 -3.49 -0.49 -13.10
N ILE A 120 -2.86 -1.20 -12.17
CA ILE A 120 -1.40 -1.35 -12.14
C ILE A 120 -1.13 -2.83 -12.42
N ALA A 121 -0.07 -3.07 -13.17
CA ALA A 121 0.32 -4.40 -13.51
C ALA A 121 1.05 -5.03 -12.34
N LEU A 122 0.96 -6.35 -12.24
CA LEU A 122 1.64 -7.11 -11.23
C LEU A 122 2.92 -7.60 -11.86
N PRO A 123 3.94 -7.91 -11.04
CA PRO A 123 5.18 -8.43 -11.62
C PRO A 123 5.03 -9.86 -12.11
N SER A 124 6.00 -10.25 -12.93
CA SER A 124 6.12 -11.64 -13.35
C SER A 124 6.75 -12.37 -12.16
N MET A 125 6.45 -13.65 -12.09
CA MET A 125 6.77 -14.46 -10.92
C MET A 125 8.26 -14.41 -10.54
N TYR A 126 8.51 -14.08 -9.27
CA TYR A 126 9.87 -14.00 -8.69
C TYR A 126 10.81 -12.99 -9.36
N ASN A 127 10.23 -12.03 -10.09
CA ASN A 127 10.98 -11.08 -10.92
C ASN A 127 10.90 -9.68 -10.29
N ASP A 128 11.99 -9.28 -9.62
CA ASP A 128 12.08 -7.96 -8.99
C ASP A 128 13.26 -7.17 -9.56
N PRO A 129 13.22 -5.82 -9.43
CA PRO A 129 14.37 -5.03 -9.88
C PRO A 129 15.62 -5.27 -9.04
N GLN A 130 16.76 -4.86 -9.57
CA GLN A 130 18.00 -4.94 -8.80
C GLN A 130 17.90 -3.96 -7.66
N PHE A 131 18.61 -4.26 -6.58
CA PHE A 131 18.69 -3.31 -5.48
C PHE A 131 19.35 -2.02 -6.03
N GLY A 132 19.11 -0.90 -5.35
CA GLY A 132 19.50 0.41 -5.86
C GLY A 132 18.50 0.99 -6.85
N THR A 133 17.56 0.18 -7.34
CA THR A 133 16.51 0.68 -8.21
C THR A 133 15.64 1.63 -7.39
N SER A 134 15.29 2.75 -8.02
CA SER A 134 14.40 3.73 -7.48
C SER A 134 12.99 3.29 -7.80
N CYS A 135 12.11 3.33 -6.79
CA CYS A 135 10.71 3.03 -6.97
C CYS A 135 9.92 4.09 -6.26
N GLU A 136 8.62 4.15 -6.51
CA GLU A 136 7.81 5.20 -5.90
C GLU A 136 6.69 4.66 -5.03
N ILE A 137 6.42 5.40 -3.94
CA ILE A 137 5.41 5.06 -2.93
C ILE A 137 4.42 6.21 -2.76
N THR A 138 3.18 5.89 -2.55
CA THR A 138 2.12 6.85 -2.51
C THR A 138 1.30 6.56 -1.28
N GLY A 139 0.81 7.62 -0.66
CA GLY A 139 -0.19 7.49 0.38
C GLY A 139 -0.55 8.77 1.13
N PHE A 140 -1.58 8.63 1.95
CA PHE A 140 -2.11 9.70 2.78
C PHE A 140 -1.51 9.70 4.19
N GLY A 141 -0.52 8.84 4.45
CA GLY A 141 0.07 8.75 5.79
C GLY A 141 0.81 9.99 6.30
N LYS A 142 1.26 9.92 7.55
CA LYS A 142 1.83 11.11 8.19
C LYS A 142 3.03 11.69 7.43
N GLU A 143 3.19 13.00 7.52
CA GLU A 143 4.32 13.74 6.97
C GLU A 143 5.52 13.78 7.89
N GLN A 144 5.23 13.58 9.18
CA GLN A 144 6.24 13.41 10.22
C GLN A 144 5.73 12.40 11.25
N SER A 145 6.63 11.64 11.87
CA SER A 145 6.27 10.66 12.90
C SER A 145 5.53 11.25 14.12
N THR A 146 5.87 12.48 14.51
CA THR A 146 5.22 13.15 15.64
C THR A 146 3.85 13.75 15.32
N ASP A 147 3.53 13.91 14.03
CA ASP A 147 2.27 14.52 13.63
C ASP A 147 1.12 13.73 14.21
N TYR A 148 0.09 14.45 14.61
CA TYR A 148 -1.19 13.84 14.99
C TYR A 148 -2.05 13.67 13.74
N LEU A 149 -2.05 14.69 12.87
CA LEU A 149 -2.85 14.67 11.66
C LEU A 149 -2.17 13.94 10.50
N TYR A 150 -3.01 13.40 9.62
CA TYR A 150 -2.61 12.96 8.30
C TYR A 150 -2.76 14.12 7.31
N PRO A 151 -1.90 14.17 6.27
CA PRO A 151 -2.06 15.19 5.24
C PRO A 151 -3.42 15.08 4.58
N GLU A 152 -3.91 16.23 4.16
CA GLU A 152 -5.19 16.31 3.50
C GLU A 152 -5.01 15.99 1.99
N GLN A 153 -3.81 16.23 1.46
CA GLN A 153 -3.47 16.01 0.06
C GLN A 153 -2.53 14.82 -0.10
N LEU A 154 -2.82 14.00 -1.11
CA LEU A 154 -2.04 12.81 -1.41
C LEU A 154 -0.60 13.17 -1.70
N LYS A 155 0.33 12.37 -1.19
CA LYS A 155 1.76 12.54 -1.36
C LYS A 155 2.44 11.32 -1.98
N MET A 156 3.62 11.56 -2.54
CA MET A 156 4.47 10.49 -3.04
C MET A 156 5.95 10.88 -2.89
N THR A 157 6.80 9.87 -2.95
CA THR A 157 8.25 10.06 -2.83
C THR A 157 8.99 8.89 -3.47
N VAL A 158 10.31 8.95 -3.42
CA VAL A 158 11.17 7.93 -4.03
C VAL A 158 11.99 7.26 -2.96
N VAL A 159 12.10 5.95 -3.07
CA VAL A 159 13.01 5.17 -2.22
C VAL A 159 13.69 4.08 -3.05
N LYS A 160 14.84 3.62 -2.57
CA LYS A 160 15.62 2.63 -3.30
C LYS A 160 15.60 1.25 -2.64
N LEU A 161 15.44 0.24 -3.49
CA LEU A 161 15.45 -1.15 -3.08
C LEU A 161 16.76 -1.52 -2.42
N ILE A 162 16.63 -2.30 -1.34
CA ILE A 162 17.74 -2.72 -0.50
C ILE A 162 17.78 -4.24 -0.56
N SER A 163 18.97 -4.77 -0.70
CA SER A 163 19.17 -6.19 -0.80
C SER A 163 18.84 -6.87 0.49
N HIS A 164 18.36 -8.09 0.39
CA HIS A 164 18.00 -8.84 1.54
C HIS A 164 19.16 -9.11 2.46
N ARG A 165 20.30 -9.36 1.85
CA ARG A 165 21.56 -9.58 2.58
C ARG A 165 21.77 -8.36 3.45
N GLU A 166 21.52 -7.18 2.88
CA GLU A 166 21.67 -5.92 3.61
C GLU A 166 20.55 -5.68 4.65
N CYS A 167 19.30 -5.93 4.29
CA CYS A 167 18.18 -5.71 5.24
C CYS A 167 18.27 -6.72 6.39
N GLN A 168 18.87 -7.88 6.11
CA GLN A 168 19.02 -9.02 7.00
C GLN A 168 19.92 -8.86 8.14
N GLN A 169 20.81 -7.92 8.04
CA GLN A 169 21.71 -7.62 9.10
C GLN A 169 20.98 -7.21 10.33
N PRO A 170 21.63 -7.35 11.50
CA PRO A 170 21.20 -7.00 12.85
C PRO A 170 20.99 -5.54 13.02
N HIS A 171 22.04 -4.75 12.34
CA HIS A 171 22.24 -3.38 12.46
C HIS A 171 21.21 -2.25 12.15
N TYR A 172 20.24 -2.88 11.34
CA TYR A 172 19.03 -3.02 10.51
C TYR A 172 17.92 -3.83 11.09
N TYR A 173 17.32 -4.75 10.33
CA TYR A 173 16.16 -5.52 10.86
C TYR A 173 16.53 -6.94 11.27
N GLY A 174 17.76 -7.36 11.05
CA GLY A 174 18.12 -8.70 11.43
C GLY A 174 17.31 -9.74 10.72
N SER A 175 16.72 -10.62 11.49
CA SER A 175 15.94 -11.72 10.98
C SER A 175 14.46 -11.43 10.86
N GLU A 176 14.06 -10.24 11.24
CA GLU A 176 12.68 -9.84 11.19
C GLU A 176 12.22 -9.86 9.76
N VAL A 177 13.10 -9.47 8.86
CA VAL A 177 12.80 -9.49 7.44
C VAL A 177 13.03 -10.84 6.80
N THR A 178 12.19 -11.15 5.82
CA THR A 178 12.14 -12.41 5.13
C THR A 178 12.07 -12.22 3.63
N THR A 179 12.26 -13.29 2.90
CA THR A 179 12.34 -13.27 1.46
C THR A 179 11.04 -13.02 0.78
N LYS A 180 9.97 -13.12 1.54
CA LYS A 180 8.65 -12.64 1.09
C LYS A 180 8.41 -11.17 1.44
N MET A 181 9.43 -10.50 1.98
CA MET A 181 9.43 -9.06 2.22
C MET A 181 10.54 -8.39 1.41
N LEU A 182 10.32 -7.11 1.12
CA LEU A 182 11.34 -6.22 0.58
C LEU A 182 11.55 -5.02 1.49
N CYS A 183 12.73 -4.46 1.36
CA CYS A 183 13.09 -3.24 2.11
C CYS A 183 13.46 -2.18 1.13
N ALA A 184 13.07 -0.97 1.45
CA ALA A 184 13.42 0.16 0.58
C ALA A 184 13.63 1.39 1.41
N ALA A 185 14.48 2.29 0.95
CA ALA A 185 14.87 3.41 1.80
C ALA A 185 15.58 4.46 0.99
N ASP A 186 15.64 5.64 1.57
CA ASP A 186 16.41 6.77 1.02
C ASP A 186 17.83 6.64 1.57
N PRO A 187 18.85 6.80 0.70
CA PRO A 187 20.27 6.77 1.14
C PRO A 187 20.58 7.63 2.36
N GLN A 188 19.92 8.78 2.47
CA GLN A 188 20.03 9.68 3.60
C GLN A 188 19.03 9.40 4.70
N TRP A 189 18.11 8.44 4.51
CA TRP A 189 16.98 8.21 5.44
C TRP A 189 16.06 9.42 5.57
N LYS A 190 16.09 10.23 4.52
CA LYS A 190 15.47 11.56 4.45
C LYS A 190 13.95 11.48 4.19
N THR A 191 13.53 10.46 3.45
CA THR A 191 12.13 10.25 3.11
C THR A 191 11.74 8.80 3.27
N ASP A 192 10.49 8.58 3.62
CA ASP A 192 9.93 7.27 3.86
C ASP A 192 8.41 7.30 3.92
N SER A 193 7.82 6.12 3.97
CA SER A 193 6.45 5.88 4.30
C SER A 193 6.37 5.94 5.83
N CYS A 194 5.16 6.15 6.29
CA CYS A 194 4.88 6.28 7.72
C CYS A 194 3.47 5.80 8.01
N GLN A 195 3.06 5.88 9.26
CA GLN A 195 1.69 5.52 9.68
C GLN A 195 0.62 6.20 8.80
N GLY A 196 -0.37 5.42 8.39
CA GLY A 196 -1.36 5.84 7.41
C GLY A 196 -1.04 5.40 5.99
N ASP A 197 0.22 5.18 5.64
CA ASP A 197 0.60 4.70 4.30
C ASP A 197 0.45 3.19 4.07
N SER A 198 0.24 2.41 5.13
CA SER A 198 0.19 0.94 5.03
C SER A 198 -0.84 0.51 3.99
N GLY A 199 -0.54 -0.56 3.27
CA GLY A 199 -1.43 -1.04 2.22
C GLY A 199 -1.25 -0.40 0.86
N GLY A 200 -0.55 0.74 0.77
CA GLY A 200 -0.37 1.46 -0.49
C GLY A 200 0.74 0.88 -1.33
N PRO A 201 0.85 1.34 -2.59
CA PRO A 201 1.75 0.78 -3.55
C PRO A 201 3.24 1.14 -3.43
N LEU A 202 4.08 0.17 -3.80
CA LEU A 202 5.47 0.39 -4.16
C LEU A 202 5.55 -0.04 -5.62
N VAL A 203 5.86 0.93 -6.46
CA VAL A 203 5.79 0.77 -7.89
C VAL A 203 7.18 0.99 -8.45
N CYS A 204 7.60 0.04 -9.28
CA CYS A 204 8.91 0.06 -9.91
C CYS A 204 8.72 -0.13 -11.41
N SER A 205 9.59 0.51 -12.20
CA SER A 205 9.61 0.31 -13.64
C SER A 205 10.30 -1.02 -13.89
N LEU A 206 9.58 -1.96 -14.49
CA LEU A 206 10.10 -3.27 -14.76
C LEU A 206 9.80 -3.61 -16.21
N GLN A 207 10.86 -3.88 -16.98
CA GLN A 207 10.78 -4.06 -18.45
C GLN A 207 9.95 -2.95 -19.13
N GLY A 208 10.32 -1.70 -18.85
CA GLY A 208 9.62 -0.54 -19.40
C GLY A 208 8.14 -0.49 -19.05
N ARG A 209 7.81 -0.99 -17.84
CA ARG A 209 6.41 -1.12 -17.42
C ARG A 209 6.26 -0.78 -15.94
N MET A 210 5.30 0.08 -15.59
CA MET A 210 5.01 0.35 -14.17
C MET A 210 4.29 -0.84 -13.51
N THR A 211 4.93 -1.34 -12.44
CA THR A 211 4.64 -2.63 -11.85
C THR A 211 4.52 -2.56 -10.32
N LEU A 212 3.51 -3.25 -9.78
CA LEU A 212 3.30 -3.31 -8.34
C LEU A 212 4.23 -4.33 -7.68
N THR A 213 5.41 -3.86 -7.34
CA THR A 213 6.47 -4.63 -6.73
C THR A 213 6.26 -4.86 -5.21
N GLY A 214 5.55 -3.94 -4.54
CA GLY A 214 5.33 -4.06 -3.11
C GLY A 214 4.12 -3.34 -2.52
N ILE A 215 3.78 -3.76 -1.31
CA ILE A 215 2.68 -3.22 -0.54
C ILE A 215 3.23 -2.78 0.81
N VAL A 216 3.02 -1.51 1.16
CA VAL A 216 3.61 -0.90 2.36
C VAL A 216 3.15 -1.74 3.57
N SER A 217 4.07 -2.21 4.40
CA SER A 217 3.70 -3.16 5.44
C SER A 217 4.16 -2.78 6.83
N TRP A 218 5.45 -2.53 7.03
CA TRP A 218 5.95 -2.23 8.34
C TRP A 218 7.27 -1.46 8.42
N GLY A 219 7.61 -1.00 9.59
CA GLY A 219 8.87 -0.37 9.81
C GLY A 219 9.05 0.08 11.24
N ARG A 220 10.25 0.37 11.67
CA ARG A 220 10.46 0.81 13.02
C ARG A 220 10.67 2.28 12.87
N GLY A 221 9.67 3.05 13.30
CA GLY A 221 9.68 4.47 13.10
C GLY A 221 9.46 4.72 11.65
N CYS A 222 9.63 5.96 11.26
CA CYS A 222 9.60 6.31 9.84
C CYS A 222 10.85 7.13 9.63
N ALA A 223 11.51 6.88 8.51
CA ALA A 223 12.61 7.70 8.14
C ALA A 223 13.72 7.81 9.19
N LEU A 224 14.10 6.68 9.80
CA LEU A 224 15.22 6.64 10.72
C LEU A 224 16.33 5.81 10.20
N LYS A 225 17.55 6.19 10.59
CA LYS A 225 18.78 5.51 10.20
C LYS A 225 18.75 3.99 10.48
N ASP A 226 19.11 3.21 9.47
CA ASP A 226 19.14 1.74 9.50
C ASP A 226 17.80 1.06 9.75
N LYS A 227 16.70 1.74 9.45
CA LYS A 227 15.35 1.18 9.68
C LYS A 227 14.55 1.42 8.41
N PRO A 228 14.87 0.71 7.35
CA PRO A 228 14.11 0.97 6.13
C PRO A 228 12.60 0.67 6.27
N GLY A 229 11.84 1.06 5.26
CA GLY A 229 10.46 0.64 5.16
C GLY A 229 10.40 -0.78 4.63
N VAL A 230 9.51 -1.62 5.17
CA VAL A 230 9.35 -3.00 4.74
C VAL A 230 8.03 -3.22 4.05
N TYR A 231 8.09 -3.98 2.96
CA TYR A 231 7.02 -4.11 2.00
C TYR A 231 6.74 -5.57 1.70
N THR A 232 5.48 -5.93 1.54
CA THR A 232 5.14 -7.26 1.12
C THR A 232 5.62 -7.39 -0.32
N ARG A 233 6.42 -8.43 -0.57
CA ARG A 233 7.01 -8.70 -1.87
C ARG A 233 6.02 -9.42 -2.77
N VAL A 234 5.33 -8.63 -3.62
CA VAL A 234 4.24 -9.13 -4.47
C VAL A 234 4.61 -10.29 -5.43
N SER A 235 5.83 -10.31 -5.93
CA SER A 235 6.21 -11.37 -6.89
C SER A 235 6.29 -12.77 -6.24
N HIS A 236 6.14 -12.85 -4.91
CA HIS A 236 6.13 -14.11 -4.15
C HIS A 236 4.74 -14.54 -3.72
N PHE A 237 3.71 -13.89 -4.23
CA PHE A 237 2.36 -14.23 -3.84
C PHE A 237 1.44 -14.30 -5.03
N LEU A 238 1.96 -14.47 -6.25
CA LEU A 238 1.07 -14.41 -7.42
C LEU A 238 0.02 -15.54 -7.50
N PRO A 239 0.40 -16.77 -7.08
CA PRO A 239 -0.61 -17.83 -7.06
C PRO A 239 -1.73 -17.55 -6.08
N TRP A 240 -1.38 -17.05 -4.88
CA TRP A 240 -2.37 -16.58 -3.91
C TRP A 240 -3.23 -15.51 -4.56
N ILE A 241 -2.59 -14.51 -5.15
CA ILE A 241 -3.36 -13.43 -5.79
C ILE A 241 -4.21 -13.98 -6.91
N ARG A 242 -3.66 -14.87 -7.72
CA ARG A 242 -4.41 -15.45 -8.84
C ARG A 242 -5.59 -16.33 -8.43
N SER A 243 -5.41 -17.11 -7.37
CA SER A 243 -6.47 -18.00 -6.93
C SER A 243 -7.60 -17.16 -6.37
N HIS A 244 -7.31 -16.31 -5.40
CA HIS A 244 -8.39 -15.59 -4.72
C HIS A 244 -9.05 -14.47 -5.55
N THR A 245 -8.97 -14.55 -6.87
CA THR A 245 -9.46 -13.51 -7.74
C THR A 245 -10.06 -14.12 -9.00
#